data_1VLM
#
_entry.id   1VLM
#
_cell.length_a   65.648
_cell.length_b   70.734
_cell.length_c   93.922
_cell.angle_alpha   90.00
_cell.angle_beta   90.00
_cell.angle_gamma   90.00
#
_symmetry.space_group_name_H-M   'P 21 21 2'
#
loop_
_entity.id
_entity.type
_entity.pdbx_description
1 polymer 'SAM-dependent methyltransferase'
2 non-polymer 'SODIUM ION'
3 water water
#
_entity_poly.entity_id   1
_entity_poly.type   'polypeptide(L)'
_entity_poly.pdbx_seq_one_letter_code
;(MSE)GSDKIHHHHHH(MSE)WHIFERFVNEYERWFLVHRFAYLSELQAVKCLLPEGRGVEIGVGTGRFAVPLKIKIGVE
PSER(MSE)AEIARKRGVFVLKGTAENLPLKDESFDFAL(MSE)VTTICFVDDPERALKEAYRILKKGGYLIVGIVDRES
FLGREYEKNKEKSVFYKNARFFSTEEL(MSE)DL(MSE)RKAGFEEFKVVQTLFKHPSELSEIEPVKEGYGEGAFVVIRG
TKK
;
_entity_poly.pdbx_strand_id   A,B
#
loop_
_chem_comp.id
_chem_comp.type
_chem_comp.name
_chem_comp.formula
NA non-polymer 'SODIUM ION' 'Na 1'
#
# COMPACT_ATOMS: atom_id res chain seq x y z
N HIS A 12 3.29 -24.16 3.63
CA HIS A 12 2.09 -23.57 2.91
C HIS A 12 1.03 -24.65 2.63
N MSE A 13 0.03 -24.69 3.49
CA MSE A 13 -0.98 -25.72 3.40
C MSE A 13 -1.61 -25.71 2.01
O MSE A 13 -2.01 -26.74 1.55
CB MSE A 13 -2.06 -25.58 4.50
CG MSE A 13 -1.51 -25.92 5.84
N TRP A 14 -1.64 -24.56 1.36
CA TRP A 14 -2.32 -24.41 0.08
C TRP A 14 -1.66 -25.23 -1.02
N HIS A 15 -0.37 -25.49 -0.92
CA HIS A 15 0.31 -26.40 -1.85
C HIS A 15 -0.48 -27.69 -2.11
N ILE A 16 -1.17 -28.21 -1.09
CA ILE A 16 -1.93 -29.46 -1.22
C ILE A 16 -2.97 -29.46 -2.36
N PHE A 17 -3.60 -28.33 -2.56
CA PHE A 17 -4.57 -28.16 -3.62
C PHE A 17 -3.96 -28.18 -5.05
N GLU A 18 -2.72 -27.73 -5.21
CA GLU A 18 -2.01 -27.85 -6.46
C GLU A 18 -1.77 -29.33 -6.73
N ARG A 19 -1.41 -30.05 -5.67
CA ARG A 19 -0.94 -31.39 -5.76
C ARG A 19 -2.05 -32.45 -5.99
N PHE A 20 -3.28 -32.10 -5.65
CA PHE A 20 -4.43 -32.99 -5.73
C PHE A 20 -5.65 -32.30 -6.36
N VAL A 21 -5.37 -31.54 -7.40
CA VAL A 21 -6.41 -30.77 -8.07
C VAL A 21 -7.54 -31.64 -8.64
N ASN A 22 -7.20 -32.73 -9.30
CA ASN A 22 -8.22 -33.65 -9.79
C ASN A 22 -9.06 -34.28 -8.68
N GLU A 23 -8.45 -34.63 -7.55
CA GLU A 23 -9.17 -35.16 -6.40
C GLU A 23 -10.15 -34.13 -5.81
N TYR A 24 -9.70 -32.87 -5.78
CA TYR A 24 -10.48 -31.74 -5.36
C TYR A 24 -11.72 -31.55 -6.23
N GLU A 25 -11.53 -31.63 -7.54
CA GLU A 25 -12.59 -31.40 -8.46
C GLU A 25 -13.58 -32.56 -8.36
N ARG A 26 -13.08 -33.79 -8.22
CA ARG A 26 -13.90 -34.99 -8.06
C ARG A 26 -14.99 -34.78 -7.00
N TRP A 27 -14.61 -34.17 -5.88
CA TRP A 27 -15.52 -33.95 -4.78
C TRP A 27 -16.80 -33.31 -5.27
N PHE A 28 -16.69 -32.41 -6.25
CA PHE A 28 -17.85 -31.62 -6.66
C PHE A 28 -18.79 -32.42 -7.52
N LEU A 29 -18.25 -33.44 -8.15
CA LEU A 29 -19.04 -34.34 -8.97
C LEU A 29 -19.67 -35.42 -8.15
N VAL A 30 -18.91 -35.94 -7.21
CA VAL A 30 -19.37 -37.02 -6.36
C VAL A 30 -20.42 -36.49 -5.35
N HIS A 31 -20.22 -35.26 -4.87
CA HIS A 31 -21.08 -34.65 -3.83
C HIS A 31 -21.77 -33.40 -4.37
N ARG A 32 -22.44 -33.53 -5.49
CA ARG A 32 -23.11 -32.43 -6.16
C ARG A 32 -24.18 -31.75 -5.33
N PHE A 33 -25.02 -32.53 -4.67
CA PHE A 33 -26.06 -31.90 -3.81
C PHE A 33 -25.55 -31.14 -2.61
N ALA A 34 -24.48 -31.64 -2.00
CA ALA A 34 -23.81 -30.89 -0.93
C ALA A 34 -23.20 -29.64 -1.49
N TYR A 35 -22.54 -29.73 -2.64
CA TYR A 35 -22.01 -28.53 -3.32
C TYR A 35 -23.12 -27.48 -3.59
N LEU A 36 -24.26 -27.87 -4.13
CA LEU A 36 -25.36 -26.97 -4.41
C LEU A 36 -25.95 -26.39 -3.14
N SER A 37 -25.88 -27.15 -2.06
CA SER A 37 -26.37 -26.71 -0.76
C SER A 37 -25.52 -25.57 -0.28
N GLU A 38 -24.21 -25.77 -0.34
CA GLU A 38 -23.25 -24.75 0.03
C GLU A 38 -23.39 -23.51 -0.81
N LEU A 39 -23.50 -23.65 -2.13
CA LEU A 39 -23.68 -22.48 -2.99
C LEU A 39 -24.87 -21.65 -2.60
N GLN A 40 -25.96 -22.35 -2.34
CA GLN A 40 -27.22 -21.79 -1.94
C GLN A 40 -27.08 -21.04 -0.64
N ALA A 41 -26.31 -21.57 0.29
CA ALA A 41 -26.11 -20.88 1.57
C ALA A 41 -25.30 -19.60 1.41
N VAL A 42 -24.29 -19.64 0.53
CA VAL A 42 -23.51 -18.46 0.22
C VAL A 42 -24.34 -17.44 -0.50
N LYS A 43 -25.11 -17.90 -1.48
CA LYS A 43 -26.01 -17.05 -2.28
C LYS A 43 -27.00 -16.28 -1.40
N CYS A 44 -27.49 -16.87 -0.31
CA CYS A 44 -28.32 -16.15 0.69
C CYS A 44 -27.74 -14.88 1.27
N LEU A 45 -26.43 -14.85 1.47
CA LEU A 45 -25.80 -13.70 2.12
C LEU A 45 -24.96 -12.89 1.16
N LEU A 46 -24.97 -13.23 -0.12
CA LEU A 46 -24.15 -12.49 -1.10
C LEU A 46 -24.84 -11.18 -1.47
N PRO A 47 -24.13 -10.05 -1.36
CA PRO A 47 -24.76 -8.79 -1.68
C PRO A 47 -24.50 -8.41 -3.11
N GLU A 48 -25.09 -7.27 -3.48
CA GLU A 48 -24.87 -6.65 -4.76
C GLU A 48 -23.48 -5.98 -4.79
N GLY A 49 -23.04 -5.61 -5.99
CA GLY A 49 -21.84 -4.81 -6.16
C GLY A 49 -20.68 -5.65 -6.62
N ARG A 50 -19.49 -5.11 -6.48
CA ARG A 50 -18.31 -5.76 -7.00
C ARG A 50 -17.66 -6.65 -5.95
N GLY A 51 -17.54 -7.93 -6.24
CA GLY A 51 -16.95 -8.88 -5.34
C GLY A 51 -15.67 -9.50 -5.82
N VAL A 52 -14.92 -10.05 -4.90
CA VAL A 52 -13.69 -10.75 -5.19
C VAL A 52 -13.79 -12.03 -4.40
N GLU A 53 -13.44 -13.17 -5.01
CA GLU A 53 -13.26 -14.38 -4.23
C GLU A 53 -11.78 -14.60 -3.87
N ILE A 54 -11.50 -14.64 -2.57
CA ILE A 54 -10.17 -14.94 -2.05
C ILE A 54 -10.04 -16.44 -1.89
N GLY A 55 -9.10 -17.02 -2.63
CA GLY A 55 -8.89 -18.46 -2.68
C GLY A 55 -9.89 -19.08 -3.65
N VAL A 56 -9.97 -18.51 -4.84
CA VAL A 56 -11.02 -18.85 -5.81
C VAL A 56 -10.82 -20.29 -6.36
N GLY A 57 -9.63 -20.88 -6.15
CA GLY A 57 -9.43 -22.28 -6.53
C GLY A 57 -9.71 -22.44 -8.03
N THR A 58 -10.51 -23.45 -8.37
CA THR A 58 -10.88 -23.70 -9.76
C THR A 58 -12.16 -22.98 -10.20
N GLY A 59 -12.69 -22.04 -9.39
CA GLY A 59 -13.85 -21.25 -9.74
C GLY A 59 -15.18 -21.88 -9.35
N ARG A 60 -15.14 -22.86 -8.46
CA ARG A 60 -16.33 -23.64 -8.17
C ARG A 60 -17.45 -22.83 -7.49
N PHE A 61 -17.05 -21.73 -6.87
CA PHE A 61 -17.96 -20.79 -6.27
C PHE A 61 -18.12 -19.51 -7.12
N ALA A 62 -17.03 -18.91 -7.56
CA ALA A 62 -17.04 -17.69 -8.37
C ALA A 62 -17.90 -17.83 -9.61
N VAL A 63 -17.74 -18.92 -10.34
CA VAL A 63 -18.43 -19.06 -11.62
C VAL A 63 -19.96 -19.03 -11.48
N PRO A 64 -20.54 -19.94 -10.67
CA PRO A 64 -22.00 -19.88 -10.46
C PRO A 64 -22.50 -18.64 -9.73
N LEU A 65 -21.68 -18.04 -8.87
CA LEU A 65 -22.06 -16.83 -8.16
C LEU A 65 -21.79 -15.55 -8.95
N LYS A 66 -21.20 -15.68 -10.13
CA LYS A 66 -20.99 -14.54 -11.00
C LYS A 66 -20.08 -13.51 -10.37
N ILE A 67 -19.10 -14.00 -9.63
CA ILE A 67 -17.99 -13.18 -9.15
C ILE A 67 -16.93 -13.18 -10.24
N LYS A 68 -16.53 -12.01 -10.71
CA LYS A 68 -15.67 -11.94 -11.87
C LYS A 68 -14.17 -11.96 -11.54
N ILE A 69 -13.81 -11.50 -10.36
CA ILE A 69 -12.41 -11.43 -9.94
C ILE A 69 -12.12 -12.42 -8.82
N GLY A 70 -10.96 -13.08 -8.90
CA GLY A 70 -10.49 -13.99 -7.90
C GLY A 70 -8.99 -13.90 -7.67
N VAL A 71 -8.57 -14.34 -6.48
CA VAL A 71 -7.12 -14.41 -6.12
C VAL A 71 -6.83 -15.83 -5.74
N GLU A 72 -5.70 -16.37 -6.21
CA GLU A 72 -5.36 -17.77 -6.02
C GLU A 72 -3.87 -17.96 -6.17
N PRO A 73 -3.22 -18.64 -5.21
CA PRO A 73 -1.81 -18.89 -5.33
C PRO A 73 -1.41 -20.05 -6.24
N SER A 74 -2.30 -20.97 -6.51
CA SER A 74 -1.93 -22.10 -7.34
C SER A 74 -2.15 -21.74 -8.78
N GLU A 75 -1.10 -21.77 -9.58
CA GLU A 75 -1.20 -21.54 -11.03
C GLU A 75 -2.09 -22.58 -11.72
N ARG A 76 -1.99 -23.84 -11.29
CA ARG A 76 -2.73 -24.93 -11.91
C ARG A 76 -4.22 -24.72 -11.72
N MSE A 77 -4.60 -24.37 -10.49
CA MSE A 77 -5.97 -24.09 -10.19
C MSE A 77 -6.46 -22.82 -10.87
O MSE A 77 -7.56 -22.79 -11.40
CB MSE A 77 -6.11 -24.02 -8.70
CG MSE A 77 -6.04 -25.45 -8.07
SE MSE A 77 -6.98 -25.43 -6.39
CE MSE A 77 -7.71 -27.26 -6.43
N ALA A 78 -5.68 -21.76 -10.81
CA ALA A 78 -6.01 -20.47 -11.42
C ALA A 78 -6.34 -20.62 -12.88
N GLU A 79 -5.56 -21.43 -13.59
CA GLU A 79 -5.76 -21.69 -15.03
C GLU A 79 -7.09 -22.34 -15.35
N ILE A 80 -7.52 -23.28 -14.50
CA ILE A 80 -8.86 -23.85 -14.64
C ILE A 80 -9.91 -22.78 -14.43
N ALA A 81 -9.78 -22.00 -13.36
CA ALA A 81 -10.73 -20.88 -13.14
C ALA A 81 -10.78 -19.90 -14.30
N ARG A 82 -9.63 -19.63 -14.90
CA ARG A 82 -9.53 -18.68 -16.00
C ARG A 82 -10.26 -19.20 -17.21
N LYS A 83 -10.10 -20.48 -17.49
CA LYS A 83 -10.81 -21.12 -18.61
C LYS A 83 -12.31 -21.06 -18.42
N ARG A 84 -12.74 -21.09 -17.17
CA ARG A 84 -14.15 -21.03 -16.85
C ARG A 84 -14.68 -19.61 -16.76
N GLY A 85 -13.83 -18.62 -17.04
CA GLY A 85 -14.26 -17.24 -17.19
C GLY A 85 -13.92 -16.27 -16.07
N VAL A 86 -13.32 -16.75 -14.99
CA VAL A 86 -12.93 -15.89 -13.90
C VAL A 86 -11.64 -15.20 -14.26
N PHE A 87 -11.53 -13.93 -13.90
CA PHE A 87 -10.24 -13.21 -14.02
C PHE A 87 -9.50 -13.38 -12.74
N VAL A 88 -8.37 -14.05 -12.79
CA VAL A 88 -7.62 -14.45 -11.61
C VAL A 88 -6.24 -13.81 -11.47
N LEU A 89 -6.01 -13.16 -10.32
CA LEU A 89 -4.75 -12.60 -9.93
C LEU A 89 -4.01 -13.58 -9.04
N LYS A 90 -2.76 -13.83 -9.34
CA LYS A 90 -1.95 -14.69 -8.51
C LYS A 90 -1.59 -14.02 -7.21
N GLY A 91 -1.83 -14.68 -6.09
CA GLY A 91 -1.53 -14.12 -4.79
C GLY A 91 -2.09 -14.99 -3.68
N THR A 92 -1.69 -14.70 -2.45
CA THR A 92 -2.21 -15.39 -1.28
C THR A 92 -3.12 -14.47 -0.51
N ALA A 93 -3.87 -15.05 0.42
CA ALA A 93 -4.81 -14.32 1.25
C ALA A 93 -4.10 -13.27 2.12
N GLU A 94 -2.88 -13.56 2.52
CA GLU A 94 -2.12 -12.66 3.38
C GLU A 94 -1.52 -11.46 2.65
N ASN A 95 -1.34 -11.56 1.33
CA ASN A 95 -0.84 -10.45 0.53
C ASN A 95 -1.69 -10.33 -0.72
N LEU A 96 -2.82 -9.65 -0.58
CA LEU A 96 -3.80 -9.50 -1.65
C LEU A 96 -3.29 -8.48 -2.64
N PRO A 97 -3.18 -8.85 -3.93
CA PRO A 97 -2.68 -7.92 -4.94
C PRO A 97 -3.84 -7.06 -5.43
N LEU A 98 -4.42 -6.29 -4.50
CA LEU A 98 -5.58 -5.51 -4.73
C LEU A 98 -5.41 -4.21 -3.99
N LYS A 99 -6.01 -3.14 -4.51
CA LYS A 99 -6.01 -1.83 -3.85
C LYS A 99 -6.95 -1.73 -2.68
N ASP A 100 -6.58 -0.83 -1.77
CA ASP A 100 -7.47 -0.45 -0.65
C ASP A 100 -8.86 -0.03 -1.16
N GLU A 101 -9.87 -0.40 -0.39
CA GLU A 101 -11.26 0.03 -0.61
C GLU A 101 -11.71 0.00 -2.06
N SER A 102 -11.54 -1.15 -2.70
CA SER A 102 -11.84 -1.26 -4.11
C SER A 102 -12.91 -2.30 -4.40
N PHE A 103 -13.41 -2.99 -3.37
CA PHE A 103 -14.46 -4.00 -3.53
C PHE A 103 -15.64 -3.74 -2.56
N ASP A 104 -16.83 -4.15 -3.01
CA ASP A 104 -18.03 -4.06 -2.20
C ASP A 104 -18.22 -5.28 -1.32
N PHE A 105 -17.74 -6.43 -1.79
CA PHE A 105 -17.66 -7.63 -0.99
C PHE A 105 -16.57 -8.54 -1.38
N ALA A 106 -16.19 -9.36 -0.40
CA ALA A 106 -15.17 -10.40 -0.57
C ALA A 106 -15.72 -11.74 -0.04
N LEU A 107 -15.37 -12.82 -0.71
CA LEU A 107 -15.84 -14.16 -0.34
C LEU A 107 -14.70 -15.11 -0.10
N MSE A 108 -14.79 -15.84 1.00
CA MSE A 108 -13.87 -16.94 1.25
C MSE A 108 -14.63 -18.22 1.59
O MSE A 108 -15.22 -18.31 2.62
CB MSE A 108 -12.99 -16.65 2.43
CG MSE A 108 -12.16 -15.45 2.29
SE MSE A 108 -11.00 -15.37 4.00
CE MSE A 108 -10.49 -13.53 3.83
N VAL A 109 -14.55 -19.22 0.72
CA VAL A 109 -15.20 -20.50 0.99
C VAL A 109 -14.16 -21.55 1.13
N THR A 110 -14.11 -22.11 2.34
CA THR A 110 -13.14 -23.11 2.72
C THR A 110 -11.74 -22.65 2.22
N THR A 111 -11.38 -21.46 2.65
CA THR A 111 -10.09 -20.84 2.38
C THR A 111 -9.35 -20.52 3.71
N ILE A 112 -10.05 -19.90 4.66
CA ILE A 112 -9.43 -19.46 5.88
C ILE A 112 -8.79 -20.64 6.63
N CYS A 113 -9.34 -21.86 6.46
CA CYS A 113 -8.82 -23.10 7.02
C CYS A 113 -7.47 -23.52 6.48
N PHE A 114 -7.05 -22.94 5.35
CA PHE A 114 -5.86 -23.35 4.64
C PHE A 114 -4.89 -22.21 4.41
N VAL A 115 -5.20 -21.02 4.90
CA VAL A 115 -4.25 -19.90 4.84
C VAL A 115 -3.17 -20.12 5.90
N ASP A 116 -2.03 -19.48 5.73
CA ASP A 116 -0.97 -19.59 6.73
C ASP A 116 -1.26 -18.77 7.99
N ASP A 117 -1.98 -17.66 7.82
CA ASP A 117 -2.25 -16.74 8.93
C ASP A 117 -3.66 -16.20 8.85
N PRO A 118 -4.59 -16.86 9.56
CA PRO A 118 -5.98 -16.40 9.44
C PRO A 118 -6.21 -14.95 9.83
N GLU A 119 -5.49 -14.45 10.81
CA GLU A 119 -5.67 -13.07 11.32
C GLU A 119 -5.26 -12.05 10.27
N ARG A 120 -4.08 -12.25 9.72
CA ARG A 120 -3.61 -11.47 8.60
C ARG A 120 -4.54 -11.51 7.40
N ALA A 121 -5.08 -12.69 7.06
CA ALA A 121 -5.98 -12.83 5.92
C ALA A 121 -7.28 -12.05 6.14
N LEU A 122 -7.73 -11.98 7.36
CA LEU A 122 -8.92 -11.21 7.62
C LEU A 122 -8.63 -9.70 7.60
N LYS A 123 -7.45 -9.30 8.06
CA LYS A 123 -7.01 -7.89 7.96
C LYS A 123 -6.86 -7.46 6.53
N GLU A 124 -6.37 -8.34 5.68
CA GLU A 124 -6.25 -8.02 4.25
C GLU A 124 -7.59 -7.83 3.58
N ALA A 125 -8.54 -8.66 3.96
CA ALA A 125 -9.88 -8.57 3.43
C ALA A 125 -10.48 -7.26 3.84
N TYR A 126 -10.26 -6.89 5.11
CA TYR A 126 -10.76 -5.59 5.63
C TYR A 126 -10.22 -4.40 4.80
N ARG A 127 -8.94 -4.51 4.45
CA ARG A 127 -8.22 -3.45 3.78
C ARG A 127 -8.85 -3.17 2.43
N ILE A 128 -9.14 -4.24 1.68
CA ILE A 128 -9.58 -4.13 0.30
C ILE A 128 -11.04 -3.78 0.13
N LEU A 129 -11.79 -3.84 1.24
CA LEU A 129 -13.19 -3.52 1.20
C LEU A 129 -13.47 -2.03 1.37
N LYS A 130 -14.49 -1.55 0.68
CA LYS A 130 -14.99 -0.22 0.87
C LYS A 130 -15.74 -0.09 2.20
N LYS A 131 -15.86 1.14 2.73
CA LYS A 131 -16.72 1.37 3.90
C LYS A 131 -18.17 0.93 3.61
N GLY A 132 -18.74 0.12 4.49
CA GLY A 132 -20.04 -0.48 4.23
C GLY A 132 -19.96 -1.80 3.52
N GLY A 133 -18.74 -2.23 3.19
CA GLY A 133 -18.52 -3.48 2.45
C GLY A 133 -18.71 -4.72 3.33
N TYR A 134 -18.75 -5.89 2.67
CA TYR A 134 -18.98 -7.15 3.38
C TYR A 134 -17.94 -8.24 3.13
N LEU A 135 -17.64 -9.02 4.18
CA LEU A 135 -16.84 -10.24 4.04
C LEU A 135 -17.76 -11.40 4.32
N ILE A 136 -17.85 -12.32 3.36
CA ILE A 136 -18.63 -13.58 3.52
C ILE A 136 -17.61 -14.74 3.64
N VAL A 137 -17.67 -15.46 4.74
CA VAL A 137 -16.80 -16.61 4.98
C VAL A 137 -17.66 -17.87 5.18
N GLY A 138 -17.36 -18.88 4.37
CA GLY A 138 -18.00 -20.20 4.53
C GLY A 138 -17.06 -21.26 5.06
N ILE A 139 -17.51 -21.98 6.09
CA ILE A 139 -16.72 -23.03 6.71
C ILE A 139 -17.56 -24.24 7.05
N VAL A 140 -16.91 -25.40 7.15
CA VAL A 140 -17.45 -26.51 7.90
C VAL A 140 -17.15 -26.27 9.38
N ASP A 141 -18.22 -26.16 10.18
CA ASP A 141 -18.12 -25.90 11.61
C ASP A 141 -17.49 -27.08 12.37
N ARG A 142 -16.34 -26.83 12.98
CA ARG A 142 -15.63 -27.84 13.77
C ARG A 142 -16.55 -28.61 14.68
N GLU A 143 -17.49 -27.88 15.29
CA GLU A 143 -18.48 -28.39 16.21
C GLU A 143 -19.76 -28.79 15.44
N SER A 144 -19.64 -29.67 14.47
CA SER A 144 -20.80 -30.24 13.82
C SER A 144 -20.50 -31.72 13.68
N PHE A 145 -21.54 -32.50 13.40
CA PHE A 145 -21.31 -33.92 13.17
C PHE A 145 -20.21 -34.10 12.11
N LEU A 146 -20.26 -33.29 11.07
CA LEU A 146 -19.38 -33.49 9.96
C LEU A 146 -18.00 -32.94 10.29
N GLY A 147 -17.98 -31.78 10.97
CA GLY A 147 -16.73 -31.22 11.43
C GLY A 147 -15.95 -32.17 12.34
N ARG A 148 -16.65 -32.74 13.32
CA ARG A 148 -16.01 -33.68 14.23
C ARG A 148 -15.37 -34.83 13.46
N GLU A 149 -16.04 -35.33 12.43
CA GLU A 149 -15.53 -36.42 11.61
C GLU A 149 -14.27 -36.07 10.83
N TYR A 150 -14.30 -34.91 10.18
CA TYR A 150 -13.15 -34.45 9.42
C TYR A 150 -11.98 -34.22 10.35
N GLU A 151 -12.26 -33.65 11.53
CA GLU A 151 -11.18 -33.36 12.42
C GLU A 151 -10.62 -34.64 13.00
N LYS A 152 -11.49 -35.53 13.46
CA LYS A 152 -11.03 -36.78 14.07
C LYS A 152 -10.16 -37.54 13.10
N ASN A 153 -10.56 -37.50 11.83
CA ASN A 153 -9.90 -38.28 10.81
C ASN A 153 -8.89 -37.48 9.94
N LYS A 154 -8.40 -36.34 10.48
CA LYS A 154 -7.57 -35.40 9.71
C LYS A 154 -6.27 -36.08 9.27
N GLU A 155 -5.57 -36.71 10.21
CA GLU A 155 -4.35 -37.47 9.89
C GLU A 155 -4.55 -38.48 8.73
N LYS A 156 -5.82 -38.83 8.45
CA LYS A 156 -6.16 -39.72 7.33
C LYS A 156 -6.36 -38.95 6.03
N VAL A 158 -6.35 -36.12 2.92
CA VAL A 158 -5.38 -35.38 2.11
C VAL A 158 -5.46 -33.86 2.43
N PHE A 159 -6.65 -33.30 2.28
CA PHE A 159 -6.83 -31.86 2.44
C PHE A 159 -6.71 -31.35 3.89
N TYR A 160 -7.02 -32.18 4.86
CA TYR A 160 -7.16 -31.76 6.27
C TYR A 160 -6.04 -32.05 7.25
N LYS A 161 -5.07 -32.85 6.89
CA LYS A 161 -3.97 -33.13 7.79
C LYS A 161 -3.36 -31.86 8.40
N ASN A 162 -3.23 -30.82 7.59
CA ASN A 162 -2.63 -29.56 8.07
C ASN A 162 -3.64 -28.40 8.09
N ALA A 163 -4.91 -28.67 7.79
CA ALA A 163 -5.99 -27.69 7.90
C ALA A 163 -6.20 -27.19 9.30
N ARG A 164 -6.70 -25.97 9.43
CA ARG A 164 -7.15 -25.48 10.72
C ARG A 164 -8.66 -25.46 10.71
N PHE A 165 -9.27 -26.06 11.68
CA PHE A 165 -10.71 -26.08 11.79
C PHE A 165 -11.17 -24.99 12.72
N PHE A 166 -12.29 -24.37 12.35
CA PHE A 166 -12.90 -23.29 13.12
C PHE A 166 -14.28 -23.65 13.59
N SER A 167 -14.60 -23.24 14.81
CA SER A 167 -16.02 -23.13 15.18
C SER A 167 -16.60 -21.83 14.59
N THR A 168 -17.93 -21.72 14.49
CA THR A 168 -18.58 -20.47 14.03
C THR A 168 -18.23 -19.25 14.92
N GLU A 169 -18.34 -19.46 16.23
CA GLU A 169 -18.05 -18.43 17.19
C GLU A 169 -16.57 -18.04 17.24
N GLU A 170 -15.68 -19.00 17.09
CA GLU A 170 -14.27 -18.71 17.00
C GLU A 170 -14.00 -17.84 15.78
N LEU A 171 -14.57 -18.20 14.64
CA LEU A 171 -14.41 -17.41 13.40
C LEU A 171 -15.00 -15.99 13.52
N MSE A 172 -16.18 -15.87 14.09
CA MSE A 172 -16.74 -14.55 14.34
C MSE A 172 -15.88 -13.67 15.25
O MSE A 172 -15.74 -12.47 15.00
CB MSE A 172 -18.10 -14.65 14.96
CG MSE A 172 -19.20 -14.86 13.95
SE MSE A 172 -21.04 -14.84 14.79
CE MSE A 172 -20.71 -13.44 16.27
N ASP A 173 -15.32 -14.24 16.31
CA ASP A 173 -14.44 -13.50 17.17
C ASP A 173 -13.28 -12.96 16.41
N LEU A 174 -12.69 -13.78 15.54
CA LEU A 174 -11.55 -13.35 14.78
C LEU A 174 -11.94 -12.22 13.84
N MSE A 175 -13.09 -12.36 13.17
CA MSE A 175 -13.58 -11.36 12.26
C MSE A 175 -13.87 -10.05 12.97
O MSE A 175 -13.56 -8.98 12.47
CB MSE A 175 -14.84 -11.85 11.57
CG MSE A 175 -14.56 -12.94 10.56
SE MSE A 175 -16.18 -13.80 9.88
CE MSE A 175 -16.65 -12.28 8.54
N ARG A 176 -14.45 -10.14 14.14
CA ARG A 176 -14.70 -8.96 14.97
C ARG A 176 -13.36 -8.27 15.35
N LYS A 177 -12.35 -9.05 15.71
CA LYS A 177 -11.05 -8.50 16.02
C LYS A 177 -10.36 -7.91 14.76
N ALA A 178 -10.75 -8.35 13.56
CA ALA A 178 -10.23 -7.73 12.34
C ALA A 178 -11.00 -6.46 11.95
N GLY A 179 -12.09 -6.14 12.64
CA GLY A 179 -12.84 -4.92 12.39
C GLY A 179 -14.28 -5.09 11.91
N PHE A 180 -14.75 -6.32 11.71
CA PHE A 180 -16.09 -6.54 11.20
C PHE A 180 -17.13 -6.51 12.29
N GLU A 181 -18.36 -6.18 11.91
CA GLU A 181 -19.48 -6.06 12.84
C GLU A 181 -20.73 -6.50 12.12
N GLU A 182 -21.85 -6.41 12.85
CA GLU A 182 -23.22 -6.70 12.36
C GLU A 182 -23.31 -8.02 11.60
N PHE A 183 -22.93 -9.08 12.28
CA PHE A 183 -22.80 -10.39 11.66
C PHE A 183 -24.16 -10.96 11.36
N LYS A 184 -24.23 -11.68 10.25
CA LYS A 184 -25.41 -12.45 9.88
C LYS A 184 -24.92 -13.83 9.53
N VAL A 185 -25.58 -14.85 10.04
CA VAL A 185 -25.16 -16.24 9.83
C VAL A 185 -26.32 -17.07 9.31
N VAL A 186 -26.01 -17.95 8.35
CA VAL A 186 -26.86 -19.01 7.87
C VAL A 186 -26.16 -20.36 7.91
N GLN A 187 -26.92 -21.45 7.83
CA GLN A 187 -26.35 -22.83 7.93
C GLN A 187 -27.08 -23.79 6.97
N THR A 188 -26.41 -24.87 6.61
CA THR A 188 -26.97 -25.94 5.80
C THR A 188 -26.14 -27.20 6.04
N LEU A 189 -26.43 -28.26 5.29
CA LEU A 189 -25.88 -29.63 5.50
C LEU A 189 -26.24 -30.23 6.85
N PHE A 190 -27.48 -30.64 6.99
CA PHE A 190 -27.94 -31.28 8.20
C PHE A 190 -27.75 -32.80 8.09
N LYS A 191 -27.73 -33.31 6.85
CA LYS A 191 -27.45 -34.70 6.56
C LYS A 191 -26.04 -34.80 6.05
N HIS A 192 -25.51 -36.02 6.06
CA HIS A 192 -24.16 -36.24 5.55
C HIS A 192 -24.17 -36.07 4.03
N PRO A 193 -23.15 -35.43 3.46
CA PRO A 193 -23.07 -35.22 2.02
C PRO A 193 -23.17 -36.48 1.17
N SER A 194 -22.64 -37.59 1.66
CA SER A 194 -22.73 -38.86 0.94
C SER A 194 -24.15 -39.44 0.80
N GLU A 195 -25.11 -38.94 1.59
CA GLU A 195 -26.48 -39.41 1.54
C GLU A 195 -27.49 -38.39 1.02
N LEU A 196 -27.04 -37.32 0.35
CA LEU A 196 -27.98 -36.39 -0.24
C LEU A 196 -28.45 -36.82 -1.64
N SER A 197 -29.77 -36.85 -1.82
CA SER A 197 -30.39 -37.03 -3.13
C SER A 197 -31.13 -35.75 -3.58
N GLU A 198 -30.99 -34.66 -2.80
CA GLU A 198 -31.54 -33.35 -3.14
C GLU A 198 -30.82 -32.30 -2.33
N ILE A 199 -30.99 -31.03 -2.74
CA ILE A 199 -30.38 -29.90 -2.12
C ILE A 199 -30.88 -29.83 -0.65
N GLU A 200 -29.98 -29.46 0.26
CA GLU A 200 -30.37 -29.24 1.63
C GLU A 200 -30.88 -27.85 1.80
N PRO A 201 -31.86 -27.66 2.68
CA PRO A 201 -32.36 -26.31 2.90
C PRO A 201 -31.31 -25.43 3.64
N VAL A 202 -31.46 -24.13 3.51
CA VAL A 202 -30.68 -23.14 4.26
C VAL A 202 -31.56 -22.65 5.39
N LYS A 203 -30.96 -22.47 6.56
CA LYS A 203 -31.64 -21.84 7.67
C LYS A 203 -30.78 -20.73 8.28
N GLU A 204 -31.41 -19.81 9.00
CA GLU A 204 -30.71 -18.83 9.77
C GLU A 204 -29.98 -19.52 10.95
N GLY A 205 -28.89 -18.91 11.40
CA GLY A 205 -28.20 -19.31 12.63
C GLY A 205 -27.10 -20.31 12.40
N TYR A 206 -26.72 -20.98 13.46
CA TYR A 206 -25.66 -21.97 13.44
C TYR A 206 -25.87 -22.89 14.62
N GLY A 207 -25.13 -24.00 14.65
CA GLY A 207 -25.26 -25.02 15.66
C GLY A 207 -25.85 -26.34 15.18
N GLU A 208 -26.57 -26.32 14.07
CA GLU A 208 -27.29 -27.48 13.60
C GLU A 208 -26.69 -28.04 12.31
N GLY A 209 -26.39 -27.17 11.34
CA GLY A 209 -25.87 -27.63 10.04
C GLY A 209 -24.36 -27.60 10.08
N ALA A 210 -23.73 -28.48 9.28
CA ALA A 210 -22.27 -28.53 9.14
C ALA A 210 -21.65 -27.37 8.41
N PHE A 211 -22.32 -26.82 7.42
CA PHE A 211 -21.74 -25.73 6.65
C PHE A 211 -22.34 -24.43 7.10
N VAL A 212 -21.48 -23.51 7.51
CA VAL A 212 -21.97 -22.23 8.03
C VAL A 212 -21.39 -21.10 7.21
N VAL A 213 -22.21 -20.10 6.94
CA VAL A 213 -21.79 -18.93 6.20
C VAL A 213 -22.10 -17.72 7.06
N ILE A 214 -21.06 -16.90 7.21
CA ILE A 214 -21.05 -15.73 8.07
C ILE A 214 -20.70 -14.52 7.23
N ARG A 215 -21.53 -13.49 7.38
CA ARG A 215 -21.27 -12.20 6.76
C ARG A 215 -20.94 -11.17 7.82
N GLY A 216 -19.85 -10.44 7.63
CA GLY A 216 -19.55 -9.33 8.54
C GLY A 216 -19.53 -8.05 7.71
N THR A 217 -19.82 -6.94 8.38
CA THR A 217 -19.83 -5.62 7.74
C THR A 217 -18.63 -4.79 8.19
N LYS A 218 -17.92 -4.21 7.23
CA LYS A 218 -16.94 -3.16 7.52
C LYS A 218 -17.74 -1.85 7.60
N LYS A 219 -18.00 -1.38 8.83
CA LYS A 219 -18.80 -0.16 9.01
C LYS A 219 -17.94 1.07 8.81
N MSE B 13 7.69 30.38 -11.39
CA MSE B 13 8.79 30.73 -10.46
C MSE B 13 10.10 30.09 -10.90
O MSE B 13 11.15 30.73 -10.79
CB MSE B 13 8.42 30.31 -9.03
N TRP B 14 10.06 28.84 -11.40
CA TRP B 14 11.30 28.12 -11.76
C TRP B 14 12.08 28.79 -12.90
N HIS B 15 11.40 29.53 -13.75
CA HIS B 15 12.09 30.30 -14.79
C HIS B 15 13.30 31.09 -14.26
N ILE B 16 13.25 31.53 -13.00
CA ILE B 16 14.31 32.33 -12.38
C ILE B 16 15.66 31.57 -12.28
N PHE B 17 15.59 30.26 -12.12
CA PHE B 17 16.78 29.42 -12.09
C PHE B 17 17.45 29.28 -13.45
N GLU B 18 16.65 29.26 -14.52
CA GLU B 18 17.20 29.28 -15.88
C GLU B 18 17.99 30.57 -16.09
N ARG B 19 17.45 31.68 -15.57
CA ARG B 19 17.98 33.02 -15.82
C ARG B 19 19.23 33.38 -14.99
N PHE B 20 19.39 32.75 -13.84
CA PHE B 20 20.44 33.07 -12.86
C PHE B 20 21.23 31.82 -12.42
N VAL B 21 21.40 30.87 -13.36
CA VAL B 21 22.05 29.60 -13.09
C VAL B 21 23.48 29.75 -12.52
N ASN B 22 24.28 30.67 -13.07
CA ASN B 22 25.62 30.92 -12.56
C ASN B 22 25.61 31.43 -11.13
N GLU B 23 24.62 32.27 -10.81
CA GLU B 23 24.49 32.82 -9.46
C GLU B 23 24.10 31.73 -8.44
N TYR B 24 23.24 30.83 -8.91
CA TYR B 24 22.82 29.70 -8.16
C TYR B 24 24.01 28.82 -7.88
N GLU B 25 24.82 28.57 -8.92
CA GLU B 25 25.98 27.73 -8.77
C GLU B 25 27.00 28.37 -7.83
N ARG B 26 27.21 29.68 -7.96
CA ARG B 26 28.21 30.37 -7.13
C ARG B 26 27.96 30.16 -5.63
N TRP B 27 26.69 30.06 -5.26
CA TRP B 27 26.30 29.84 -3.88
C TRP B 27 27.01 28.62 -3.28
N PHE B 28 27.16 27.58 -4.08
CA PHE B 28 27.73 26.33 -3.65
C PHE B 28 29.23 26.38 -3.46
N LEU B 29 29.90 27.30 -4.16
CA LEU B 29 31.31 27.49 -3.95
C LEU B 29 31.51 28.39 -2.75
N VAL B 30 30.74 29.47 -2.68
CA VAL B 30 30.97 30.50 -1.68
C VAL B 30 30.54 29.97 -0.31
N HIS B 31 29.49 29.17 -0.31
CA HIS B 31 28.91 28.64 0.92
C HIS B 31 29.04 27.12 0.96
N ARG B 32 30.24 26.61 0.68
CA ARG B 32 30.48 25.18 0.60
C ARG B 32 30.17 24.41 1.89
N PHE B 33 30.56 24.95 3.04
CA PHE B 33 30.26 24.30 4.30
C PHE B 33 28.78 24.24 4.62
N ALA B 34 28.02 25.27 4.27
CA ALA B 34 26.55 25.24 4.48
C ALA B 34 25.94 24.17 3.55
N TYR B 35 26.47 24.10 2.32
CA TYR B 35 26.06 23.06 1.35
C TYR B 35 26.29 21.66 1.86
N LEU B 36 27.48 21.41 2.40
CA LEU B 36 27.82 20.09 2.90
C LEU B 36 27.05 19.76 4.17
N SER B 37 26.61 20.79 4.89
CA SER B 37 25.77 20.64 6.07
C SER B 37 24.36 20.18 5.70
N GLU B 38 23.83 20.78 4.66
CA GLU B 38 22.53 20.39 4.14
C GLU B 38 22.60 19.00 3.56
N LEU B 39 23.68 18.66 2.83
CA LEU B 39 23.85 17.29 2.30
C LEU B 39 23.82 16.24 3.39
N GLN B 40 24.55 16.53 4.46
CA GLN B 40 24.69 15.67 5.61
C GLN B 40 23.35 15.46 6.28
N ALA B 41 22.56 16.52 6.40
CA ALA B 41 21.21 16.40 6.97
C ALA B 41 20.29 15.52 6.09
N VAL B 42 20.34 15.74 4.78
CA VAL B 42 19.60 14.87 3.85
C VAL B 42 20.10 13.42 3.95
N LYS B 43 21.41 13.24 3.95
CA LYS B 43 21.99 11.90 3.97
C LYS B 43 21.50 11.13 5.20
N CYS B 44 21.32 11.83 6.31
CA CYS B 44 20.81 11.23 7.54
C CYS B 44 19.45 10.56 7.39
C CYS B 44 19.47 10.54 7.36
N LEU B 45 18.59 11.09 6.53
CA LEU B 45 17.25 10.50 6.33
C LEU B 45 17.09 9.73 5.03
N LEU B 46 18.16 9.62 4.25
CA LEU B 46 18.05 9.00 2.96
C LEU B 46 18.05 7.49 3.17
N PRO B 47 17.03 6.80 2.65
CA PRO B 47 17.02 5.36 2.71
C PRO B 47 17.72 4.68 1.54
N GLU B 48 17.72 3.35 1.60
CA GLU B 48 18.20 2.49 0.52
C GLU B 48 17.13 2.34 -0.55
N GLY B 49 17.56 1.92 -1.75
CA GLY B 49 16.66 1.65 -2.85
C GLY B 49 16.78 2.72 -3.93
N ARG B 50 15.85 2.71 -4.86
CA ARG B 50 15.98 3.56 -6.02
C ARG B 50 15.24 4.85 -5.69
N GLY B 51 15.94 5.97 -5.84
CA GLY B 51 15.36 7.28 -5.60
C GLY B 51 15.33 8.12 -6.85
N VAL B 52 14.52 9.16 -6.79
CA VAL B 52 14.46 10.16 -7.85
C VAL B 52 14.55 11.50 -7.15
N GLU B 53 15.33 12.45 -7.68
CA GLU B 53 15.29 13.84 -7.15
C GLU B 53 14.35 14.67 -7.99
N ILE B 54 13.37 15.27 -7.33
CA ILE B 54 12.43 16.17 -7.97
C ILE B 54 12.87 17.63 -7.87
N GLY B 55 13.18 18.22 -9.02
CA GLY B 55 13.82 19.50 -9.08
C GLY B 55 15.29 19.32 -8.82
N VAL B 56 15.91 18.48 -9.64
CA VAL B 56 17.30 18.12 -9.48
C VAL B 56 18.29 19.28 -9.78
N GLY B 57 17.84 20.29 -10.53
CA GLY B 57 18.65 21.45 -10.80
C GLY B 57 19.93 21.04 -11.48
N THR B 58 21.06 21.48 -10.94
CA THR B 58 22.37 21.18 -11.53
C THR B 58 23.00 19.91 -10.98
N GLY B 59 22.23 19.14 -10.20
CA GLY B 59 22.68 17.88 -9.60
C GLY B 59 23.51 18.03 -8.33
N ARG B 60 23.39 19.16 -7.67
CA ARG B 60 24.23 19.44 -6.48
C ARG B 60 23.91 18.49 -5.34
N PHE B 61 22.69 17.95 -5.32
CA PHE B 61 22.32 16.95 -4.35
C PHE B 61 22.33 15.51 -4.90
N ALA B 62 21.81 15.33 -6.11
CA ALA B 62 21.78 13.98 -6.70
C ALA B 62 23.17 13.36 -6.77
N VAL B 63 24.14 14.13 -7.27
CA VAL B 63 25.44 13.54 -7.55
C VAL B 63 26.09 12.97 -6.29
N PRO B 64 26.33 13.79 -5.25
CA PRO B 64 26.93 13.23 -4.04
C PRO B 64 26.06 12.19 -3.33
N LEU B 65 24.75 12.30 -3.45
CA LEU B 65 23.88 11.33 -2.80
C LEU B 65 23.66 10.07 -3.63
N LYS B 66 24.23 10.02 -4.83
CA LYS B 66 24.13 8.85 -5.71
C LYS B 66 22.67 8.55 -6.13
N ILE B 67 21.91 9.61 -6.38
CA ILE B 67 20.57 9.48 -6.94
C ILE B 67 20.75 9.58 -8.43
N LYS B 68 20.37 8.53 -9.14
CA LYS B 68 20.71 8.41 -10.56
C LYS B 68 19.70 9.09 -11.47
N ILE B 69 18.47 9.24 -10.98
CA ILE B 69 17.40 9.81 -11.77
C ILE B 69 16.91 11.12 -11.17
N GLY B 70 16.71 12.11 -12.03
CA GLY B 70 16.13 13.37 -11.63
C GLY B 70 15.17 13.95 -12.65
N VAL B 71 14.30 14.84 -12.16
CA VAL B 71 13.37 15.60 -13.01
C VAL B 71 13.65 17.09 -12.84
N GLU B 72 13.64 17.82 -13.95
CA GLU B 72 13.98 19.23 -13.94
C GLU B 72 13.41 19.94 -15.17
N PRO B 73 12.66 21.04 -14.98
CA PRO B 73 12.09 21.79 -16.10
C PRO B 73 13.06 22.69 -16.87
N SER B 74 14.16 23.10 -16.24
CA SER B 74 15.13 23.99 -16.89
C SER B 74 16.14 23.17 -17.70
N GLU B 75 16.10 23.31 -19.03
CA GLU B 75 17.04 22.60 -19.92
C GLU B 75 18.50 23.00 -19.68
N ARG B 76 18.73 24.26 -19.31
CA ARG B 76 20.07 24.73 -18.99
C ARG B 76 20.62 24.01 -17.77
N MSE B 77 19.81 23.97 -16.71
CA MSE B 77 20.21 23.27 -15.50
C MSE B 77 20.30 21.77 -15.72
O MSE B 77 21.22 21.14 -15.25
CB MSE B 77 19.25 23.58 -14.38
CG MSE B 77 19.29 25.02 -13.97
SE MSE B 77 18.68 25.21 -12.13
CE MSE B 77 19.98 26.63 -11.52
N ALA B 78 19.33 21.22 -16.44
CA ALA B 78 19.31 19.80 -16.80
C ALA B 78 20.62 19.35 -17.43
N GLU B 79 21.11 20.16 -18.37
CA GLU B 79 22.32 19.86 -19.12
C GLU B 79 23.55 19.80 -18.23
N ILE B 80 23.65 20.69 -17.25
CA ILE B 80 24.77 20.63 -16.28
C ILE B 80 24.68 19.40 -15.39
N ALA B 81 23.47 19.06 -14.95
CA ALA B 81 23.20 17.81 -14.22
C ALA B 81 23.53 16.57 -15.03
N ARG B 82 23.26 16.59 -16.33
CA ARG B 82 23.58 15.46 -17.20
C ARG B 82 25.08 15.26 -17.33
N LYS B 83 25.79 16.35 -17.54
CA LYS B 83 27.26 16.28 -17.66
C LYS B 83 27.90 15.73 -16.39
N ARG B 84 27.24 15.94 -15.25
CA ARG B 84 27.72 15.42 -13.96
C ARG B 84 27.25 14.00 -13.66
N GLY B 85 26.54 13.39 -14.63
CA GLY B 85 26.22 11.96 -14.56
C GLY B 85 24.81 11.62 -14.16
N VAL B 86 23.98 12.62 -13.91
CA VAL B 86 22.57 12.36 -13.60
C VAL B 86 21.81 12.12 -14.88
N PHE B 87 20.87 11.16 -14.86
CA PHE B 87 19.97 10.99 -15.97
C PHE B 87 18.74 11.81 -15.67
N VAL B 88 18.48 12.81 -16.51
CA VAL B 88 17.50 13.84 -16.23
C VAL B 88 16.33 13.84 -17.21
N LEU B 89 15.12 13.65 -16.69
CA LEU B 89 13.90 13.76 -17.45
C LEU B 89 13.35 15.19 -17.33
N LYS B 90 13.00 15.80 -18.46
CA LYS B 90 12.44 17.14 -18.40
C LYS B 90 11.00 17.06 -17.95
N GLY B 91 10.65 17.90 -16.98
CA GLY B 91 9.31 17.95 -16.44
C GLY B 91 9.22 18.83 -15.22
N THR B 92 8.00 19.09 -14.77
CA THR B 92 7.76 19.84 -13.56
C THR B 92 7.32 18.90 -12.46
N ALA B 93 7.37 19.40 -11.22
CA ALA B 93 6.94 18.64 -10.06
C ALA B 93 5.46 18.26 -10.13
N GLU B 94 4.65 19.10 -10.74
CA GLU B 94 3.21 18.87 -10.77
C GLU B 94 2.85 17.85 -11.85
N ASN B 95 3.76 17.62 -12.79
CA ASN B 95 3.53 16.62 -13.82
C ASN B 95 4.76 15.76 -14.01
N LEU B 96 4.93 14.80 -13.12
CA LEU B 96 6.12 13.96 -13.10
C LEU B 96 6.08 12.93 -14.21
N PRO B 97 7.11 12.93 -15.08
CA PRO B 97 7.14 12.02 -16.22
C PRO B 97 7.61 10.64 -15.80
N LEU B 98 6.90 10.07 -14.83
CA LEU B 98 7.30 8.83 -14.17
C LEU B 98 6.09 7.94 -13.93
N LYS B 99 6.34 6.64 -13.89
CA LYS B 99 5.33 5.64 -13.63
C LYS B 99 4.90 5.59 -12.16
N ASP B 100 3.61 5.30 -11.94
CA ASP B 100 3.06 4.98 -10.61
C ASP B 100 3.96 4.00 -9.91
N GLU B 101 4.12 4.21 -8.60
CA GLU B 101 4.78 3.26 -7.70
C GLU B 101 6.03 2.62 -8.29
N SER B 102 6.96 3.45 -8.74
CA SER B 102 8.16 2.96 -9.39
C SER B 102 9.46 3.28 -8.63
N PHE B 103 9.34 4.08 -7.55
CA PHE B 103 10.47 4.52 -6.76
C PHE B 103 10.35 4.22 -5.25
N ASP B 104 11.49 3.98 -4.60
CA ASP B 104 11.53 3.67 -3.18
C ASP B 104 11.58 4.95 -2.37
N PHE B 105 12.22 5.97 -2.94
CA PHE B 105 12.13 7.28 -2.34
C PHE B 105 12.28 8.38 -3.36
N ALA B 106 11.85 9.56 -2.92
CA ALA B 106 11.90 10.80 -3.68
C ALA B 106 12.44 11.91 -2.79
N LEU B 107 13.29 12.74 -3.40
CA LEU B 107 13.92 13.85 -2.71
C LEU B 107 13.50 15.18 -3.33
N MSE B 108 13.10 16.11 -2.49
CA MSE B 108 12.95 17.52 -2.90
C MSE B 108 13.74 18.45 -1.98
O MSE B 108 13.38 18.61 -0.84
CB MSE B 108 11.48 17.94 -2.81
CG MSE B 108 10.59 17.24 -3.77
SE MSE B 108 8.67 17.86 -3.63
CE MSE B 108 7.79 16.26 -4.23
N VAL B 109 14.80 19.06 -2.48
CA VAL B 109 15.55 20.01 -1.68
C VAL B 109 15.38 21.39 -2.27
N THR B 110 14.84 22.30 -1.45
CA THR B 110 14.56 23.67 -1.87
C THR B 110 13.91 23.65 -3.27
N THR B 111 12.86 22.82 -3.38
CA THR B 111 12.07 22.66 -4.62
C THR B 111 10.63 23.10 -4.40
N ILE B 112 10.05 22.65 -3.29
CA ILE B 112 8.64 22.90 -3.02
C ILE B 112 8.35 24.41 -2.92
N CYS B 113 9.37 25.20 -2.53
CA CYS B 113 9.25 26.67 -2.44
C CYS B 113 9.07 27.36 -3.78
N PHE B 114 9.46 26.67 -4.84
CA PHE B 114 9.49 27.24 -6.18
C PHE B 114 8.57 26.54 -7.17
N VAL B 115 7.81 25.54 -6.73
CA VAL B 115 6.82 24.89 -7.61
C VAL B 115 5.57 25.77 -7.67
N ASP B 116 4.80 25.64 -8.75
CA ASP B 116 3.58 26.39 -8.94
C ASP B 116 2.44 25.99 -7.99
N ASP B 117 2.37 24.69 -7.66
CA ASP B 117 1.29 24.17 -6.81
C ASP B 117 1.85 23.11 -5.89
N PRO B 118 2.21 23.52 -4.66
CA PRO B 118 2.82 22.56 -3.72
C PRO B 118 1.94 21.34 -3.51
N GLU B 119 0.64 21.52 -3.35
CA GLU B 119 -0.28 20.41 -3.04
C GLU B 119 -0.24 19.32 -4.11
N ARG B 120 -0.29 19.76 -5.36
CA ARG B 120 -0.19 18.93 -6.56
C ARG B 120 1.18 18.27 -6.72
N ALA B 121 2.24 18.98 -6.35
CA ALA B 121 3.58 18.42 -6.38
C ALA B 121 3.70 17.29 -5.39
N LEU B 122 3.12 17.46 -4.20
CA LEU B 122 3.22 16.44 -3.16
C LEU B 122 2.40 15.22 -3.55
N LYS B 123 1.22 15.45 -4.15
CA LYS B 123 0.41 14.35 -4.66
C LYS B 123 1.12 13.56 -5.77
N GLU B 124 1.84 14.25 -6.64
CA GLU B 124 2.60 13.57 -7.69
C GLU B 124 3.74 12.70 -7.11
N ALA B 125 4.41 13.22 -6.08
CA ALA B 125 5.44 12.46 -5.38
C ALA B 125 4.85 11.19 -4.78
N TYR B 126 3.69 11.33 -4.12
CA TYR B 126 2.94 10.21 -3.60
C TYR B 126 2.67 9.16 -4.68
N ARG B 127 2.21 9.62 -5.85
CA ARG B 127 1.80 8.71 -6.92
C ARG B 127 2.96 7.81 -7.34
N ILE B 128 4.13 8.42 -7.50
CA ILE B 128 5.30 7.71 -8.04
C ILE B 128 6.06 6.85 -7.03
N LEU B 129 5.70 6.96 -5.76
CA LEU B 129 6.32 6.11 -4.73
C LEU B 129 5.62 4.78 -4.54
N LYS B 130 6.43 3.75 -4.31
CA LYS B 130 5.94 2.44 -3.94
C LYS B 130 5.33 2.50 -2.53
N LYS B 131 4.50 1.52 -2.23
CA LYS B 131 4.00 1.30 -0.87
C LYS B 131 5.19 1.10 0.08
N GLY B 132 5.19 1.85 1.18
CA GLY B 132 6.31 1.81 2.12
C GLY B 132 7.47 2.72 1.71
N GLY B 133 7.30 3.46 0.62
CA GLY B 133 8.34 4.38 0.14
C GLY B 133 8.41 5.65 0.97
N TYR B 134 9.44 6.48 0.72
CA TYR B 134 9.61 7.76 1.46
C TYR B 134 9.72 8.99 0.58
N LEU B 135 9.16 10.09 1.08
CA LEU B 135 9.42 11.40 0.50
C LEU B 135 10.31 12.16 1.49
N ILE B 136 11.48 12.61 1.02
CA ILE B 136 12.34 13.51 1.80
C ILE B 136 12.29 14.91 1.23
N VAL B 137 12.00 15.87 2.11
CA VAL B 137 11.90 17.28 1.76
C VAL B 137 12.79 18.15 2.66
N GLY B 138 13.66 18.92 2.04
CA GLY B 138 14.53 19.85 2.75
C GLY B 138 14.20 21.31 2.45
N ILE B 139 14.08 22.10 3.51
CA ILE B 139 13.74 23.51 3.40
C ILE B 139 14.54 24.34 4.38
N VAL B 140 14.72 25.62 4.04
CA VAL B 140 15.04 26.61 5.05
C VAL B 140 13.76 27.00 5.78
N ASP B 141 13.68 26.67 7.06
CA ASP B 141 12.52 26.97 7.89
C ASP B 141 12.25 28.49 7.95
N ARG B 142 11.04 28.91 7.56
CA ARG B 142 10.59 30.31 7.68
C ARG B 142 10.86 30.90 9.05
N GLU B 143 10.63 30.09 10.06
CA GLU B 143 10.67 30.56 11.43
C GLU B 143 12.02 30.28 12.02
N SER B 144 13.08 30.52 11.27
CA SER B 144 14.41 30.36 11.81
C SER B 144 15.02 31.72 11.67
N PHE B 145 16.14 31.90 12.36
CA PHE B 145 16.91 33.13 12.28
C PHE B 145 17.20 33.52 10.83
N LEU B 146 17.59 32.52 10.06
CA LEU B 146 17.94 32.72 8.68
C LEU B 146 16.66 32.81 7.84
N GLY B 147 15.70 31.94 8.04
CA GLY B 147 14.45 32.04 7.29
C GLY B 147 13.72 33.37 7.44
N ARG B 148 13.73 33.92 8.64
CA ARG B 148 13.18 35.25 8.88
C ARG B 148 13.86 36.36 8.08
N GLU B 149 15.18 36.28 7.94
CA GLU B 149 15.93 37.26 7.16
C GLU B 149 15.56 37.14 5.71
N TYR B 150 15.55 35.90 5.19
CA TYR B 150 15.25 35.64 3.79
C TYR B 150 13.87 36.15 3.45
N GLU B 151 12.92 35.87 4.32
CA GLU B 151 11.55 36.27 4.06
C GLU B 151 11.37 37.78 4.13
N LYS B 152 11.97 38.42 5.12
CA LYS B 152 11.88 39.86 5.30
C LYS B 152 12.49 40.59 4.09
N ASN B 153 13.56 40.05 3.50
CA ASN B 153 14.28 40.70 2.43
C ASN B 153 14.10 40.01 1.07
N LYS B 154 12.92 39.41 0.90
CA LYS B 154 12.58 38.62 -0.28
C LYS B 154 12.44 39.48 -1.52
N GLU B 155 11.81 40.65 -1.38
CA GLU B 155 11.75 41.65 -2.44
C GLU B 155 13.16 42.06 -2.95
N LYS B 156 14.20 41.86 -2.14
CA LYS B 156 15.57 42.22 -2.52
C LYS B 156 16.33 41.02 -3.14
N SER B 157 15.86 39.80 -2.90
CA SER B 157 16.56 38.61 -3.39
C SER B 157 16.08 38.18 -4.77
N VAL B 158 16.99 37.55 -5.51
CA VAL B 158 16.71 37.13 -6.88
C VAL B 158 15.76 35.94 -6.87
N PHE B 159 16.13 34.92 -6.12
CA PHE B 159 15.37 33.68 -6.13
C PHE B 159 14.08 33.75 -5.30
N TYR B 160 14.06 34.56 -4.25
CA TYR B 160 12.96 34.50 -3.29
C TYR B 160 11.84 35.54 -3.46
N LYS B 161 11.97 36.48 -4.39
CA LYS B 161 10.89 37.44 -4.68
C LYS B 161 9.53 36.77 -4.73
N ASN B 162 9.50 35.64 -5.45
CA ASN B 162 8.26 34.90 -5.64
C ASN B 162 8.25 33.49 -5.07
N ALA B 163 9.26 33.14 -4.31
CA ALA B 163 9.26 31.86 -3.60
C ALA B 163 8.10 31.80 -2.57
N ARG B 164 7.77 30.57 -2.18
CA ARG B 164 6.92 30.39 -1.02
C ARG B 164 7.76 29.90 0.15
N PHE B 165 7.45 30.43 1.32
CA PHE B 165 8.18 30.11 2.50
C PHE B 165 7.32 29.23 3.34
N PHE B 166 7.94 28.20 3.91
CA PHE B 166 7.26 27.26 4.77
C PHE B 166 7.94 27.18 6.11
N SER B 167 7.11 26.99 7.13
CA SER B 167 7.62 26.51 8.41
C SER B 167 7.63 25.00 8.28
N THR B 168 8.29 24.33 9.23
CA THR B 168 8.34 22.86 9.27
C THR B 168 6.96 22.21 9.43
N GLU B 169 6.20 22.71 10.40
CA GLU B 169 4.85 22.23 10.68
C GLU B 169 3.88 22.47 9.52
N GLU B 170 3.99 23.63 8.90
CA GLU B 170 3.22 23.91 7.70
C GLU B 170 3.50 22.82 6.67
N LEU B 171 4.78 22.54 6.43
CA LEU B 171 5.16 21.57 5.39
C LEU B 171 4.71 20.14 5.75
N MSE B 172 4.89 19.74 7.00
CA MSE B 172 4.40 18.44 7.43
C MSE B 172 2.92 18.24 7.24
O MSE B 172 2.48 17.15 6.84
CB MSE B 172 4.69 18.25 8.90
CG MSE B 172 6.12 17.92 9.16
SE MSE B 172 6.37 17.65 11.05
CE MSE B 172 4.89 16.35 11.40
N ASP B 173 2.16 19.29 7.56
CA ASP B 173 0.74 19.25 7.38
C ASP B 173 0.36 19.02 5.94
N LEU B 174 1.01 19.72 5.04
CA LEU B 174 0.72 19.53 3.62
C LEU B 174 1.07 18.10 3.18
N MSE B 175 2.17 17.58 3.68
CA MSE B 175 2.57 16.23 3.36
C MSE B 175 1.57 15.20 3.90
O MSE B 175 1.24 14.24 3.21
CB MSE B 175 3.98 15.97 3.91
CG MSE B 175 5.07 16.67 3.13
SE MSE B 175 6.88 16.58 4.01
CE MSE B 175 7.32 14.55 3.63
N ARG B 176 1.10 15.43 5.13
CA ARG B 176 0.11 14.60 5.78
C ARG B 176 -1.16 14.55 4.94
N LYS B 177 -1.59 15.74 4.51
CA LYS B 177 -2.76 15.87 3.64
C LYS B 177 -2.52 15.25 2.27
N ALA B 178 -1.27 15.10 1.86
CA ALA B 178 -0.94 14.38 0.62
C ALA B 178 -0.90 12.84 0.79
N GLY B 179 -0.91 12.34 2.04
CA GLY B 179 -0.98 10.89 2.32
C GLY B 179 0.24 10.31 3.04
N PHE B 180 1.19 11.18 3.39
CA PHE B 180 2.39 10.79 4.14
C PHE B 180 2.18 10.71 5.66
N GLU B 181 2.90 9.78 6.28
CA GLU B 181 2.78 9.54 7.70
C GLU B 181 4.16 9.23 8.27
N GLU B 182 4.19 8.95 9.57
CA GLU B 182 5.40 8.52 10.28
C GLU B 182 6.56 9.42 9.95
N PHE B 183 6.38 10.70 10.24
CA PHE B 183 7.37 11.72 9.94
C PHE B 183 8.62 11.60 10.82
N LYS B 184 9.77 11.80 10.21
CA LYS B 184 11.04 11.90 10.93
C LYS B 184 11.66 13.23 10.46
N VAL B 185 12.17 14.00 11.41
CA VAL B 185 12.69 15.34 11.16
C VAL B 185 14.07 15.45 11.78
N VAL B 186 15.01 16.05 11.02
CA VAL B 186 16.31 16.48 11.52
C VAL B 186 16.55 17.93 11.09
N GLN B 187 17.58 18.57 11.67
CA GLN B 187 17.92 20.00 11.43
C GLN B 187 19.42 20.30 11.44
N THR B 188 19.83 21.33 10.71
CA THR B 188 21.23 21.80 10.72
C THR B 188 21.26 23.30 10.42
N LEU B 189 22.46 23.86 10.25
CA LEU B 189 22.67 25.31 10.10
C LEU B 189 22.22 26.14 11.31
N PHE B 190 23.04 26.08 12.36
CA PHE B 190 22.78 26.77 13.60
C PHE B 190 23.51 28.10 13.58
N LYS B 191 24.62 28.13 12.86
CA LYS B 191 25.34 29.36 12.56
C LYS B 191 24.94 29.90 11.20
N HIS B 192 25.20 31.18 10.99
CA HIS B 192 25.00 31.79 9.70
C HIS B 192 25.93 31.17 8.67
N PRO B 193 25.42 30.87 7.46
CA PRO B 193 26.19 30.30 6.38
C PRO B 193 27.53 30.99 6.16
N SER B 194 27.48 32.31 6.11
CA SER B 194 28.67 33.14 5.88
C SER B 194 29.80 32.92 6.89
N GLU B 195 29.48 32.39 8.08
CA GLU B 195 30.50 32.27 9.10
C GLU B 195 31.05 30.86 9.31
N LEU B 196 30.66 29.90 8.49
CA LEU B 196 31.09 28.54 8.67
C LEU B 196 32.51 28.27 8.21
N SER B 197 33.32 27.72 9.12
CA SER B 197 34.64 27.19 8.75
C SER B 197 34.68 25.66 8.80
N GLU B 198 33.53 25.05 9.07
CA GLU B 198 33.40 23.60 9.14
C GLU B 198 31.95 23.21 8.92
N ILE B 199 31.74 21.94 8.61
CA ILE B 199 30.39 21.40 8.44
C ILE B 199 29.70 21.48 9.78
N GLU B 200 28.43 21.89 9.73
CA GLU B 200 27.56 21.99 10.88
C GLU B 200 27.09 20.58 11.27
N PRO B 201 26.90 20.34 12.58
CA PRO B 201 26.31 19.07 12.99
C PRO B 201 24.82 18.93 12.60
N VAL B 202 24.34 17.70 12.55
CA VAL B 202 22.95 17.44 12.32
C VAL B 202 22.35 17.08 13.67
N LYS B 203 21.15 17.58 13.97
CA LYS B 203 20.40 17.15 15.17
C LYS B 203 18.98 16.71 14.82
N GLU B 204 18.42 15.86 15.65
CA GLU B 204 17.01 15.48 15.59
C GLU B 204 16.16 16.70 15.83
N GLY B 205 15.01 16.74 15.18
CA GLY B 205 13.99 17.72 15.51
C GLY B 205 13.99 18.94 14.61
N TYR B 206 13.38 20.00 15.13
CA TYR B 206 13.27 21.24 14.42
C TYR B 206 12.97 22.35 15.39
N GLY B 207 13.21 23.58 14.97
CA GLY B 207 13.05 24.76 15.81
C GLY B 207 14.33 25.47 16.20
N GLU B 208 15.48 24.88 15.95
CA GLU B 208 16.75 25.55 16.26
C GLU B 208 17.54 25.87 14.98
N GLY B 209 17.66 24.89 14.08
CA GLY B 209 18.48 25.01 12.87
C GLY B 209 17.69 25.62 11.74
N ALA B 210 18.39 26.30 10.86
CA ALA B 210 17.75 26.96 9.70
C ALA B 210 17.32 26.01 8.61
N PHE B 211 18.03 24.88 8.44
CA PHE B 211 17.71 23.91 7.39
C PHE B 211 17.16 22.66 8.04
N VAL B 212 15.96 22.30 7.61
CA VAL B 212 15.22 21.20 8.16
C VAL B 212 14.90 20.17 7.04
N VAL B 213 15.08 18.90 7.38
CA VAL B 213 14.75 17.82 6.51
C VAL B 213 13.69 17.01 7.20
N ILE B 214 12.64 16.69 6.45
CA ILE B 214 11.49 15.94 6.88
C ILE B 214 11.39 14.78 5.92
N ARG B 215 11.25 13.59 6.50
CA ARG B 215 10.88 12.38 5.76
C ARG B 215 9.49 11.91 6.16
N GLY B 216 8.67 11.59 5.16
CA GLY B 216 7.37 11.00 5.37
C GLY B 216 7.30 9.68 4.61
N THR B 217 6.47 8.79 5.12
CA THR B 217 6.33 7.44 4.63
C THR B 217 4.96 7.30 3.99
N LYS B 218 4.96 6.72 2.77
CA LYS B 218 3.72 6.23 2.15
C LYS B 218 3.43 4.82 2.66
N LYS B 219 2.48 4.72 3.57
CA LYS B 219 2.19 3.42 4.23
C LYS B 219 1.18 2.62 3.41
NA NA C . -11.65 -21.28 -1.45
#